data_4N73
#
_entry.id   4N73
#
_cell.length_a   73.660
_cell.length_b   48.680
_cell.length_c   69.750
_cell.angle_alpha   90.00
_cell.angle_beta   90.00
_cell.angle_gamma   90.00
#
_symmetry.space_group_name_H-M   'P 21 21 2'
#
loop_
_entity.id
_entity.type
_entity.pdbx_description
1 polymer 'Nuclear receptor subfamily 1 group D member 2'
2 non-polymer 'PROTOPORPHYRIN IX CONTAINING CO'
3 water water
#
_entity_poly.entity_id   1
_entity_poly.type   'polypeptide(L)'
_entity_poly.pdbx_seq_one_letter_code
;GHLVCPMSKSPYVDPHKSGHEIWEEFSMSFTPAVKEVVEFAKRIPGFRDLSQHDQVNLLKAGTFEVLMVRFASLFDAKER
TVTFLSGKKYSVDDLHSMGAGDLLNSMFEFSEKLNALQLSDEEMSLFTAVVLVSADRSGIENVNSVEALQETLIRALRTL
IMKNHPNEASIFTKLLLKLPDLRSLNNMHSEELLAFKVH
;
_entity_poly.pdbx_strand_id   A
#
# COMPACT_ATOMS: atom_id res chain seq x y z
N HIS A 2 19.02 -8.84 8.65
CA HIS A 2 17.90 -9.28 7.84
C HIS A 2 17.25 -8.11 7.14
N LEU A 3 16.29 -8.48 6.31
CA LEU A 3 15.49 -7.52 5.56
C LEU A 3 14.04 -7.99 5.60
N VAL A 4 13.29 -7.56 6.62
CA VAL A 4 11.98 -8.18 6.91
C VAL A 4 10.82 -7.52 6.16
N CYS A 5 11.08 -7.09 4.95
CA CYS A 5 10.06 -6.47 4.14
C CYS A 5 9.63 -7.46 3.08
N PRO A 6 8.32 -7.75 3.00
CA PRO A 6 7.90 -8.79 2.04
C PRO A 6 7.97 -8.40 0.57
N MET A 7 8.37 -7.17 0.28
CA MET A 7 8.67 -6.78 -1.10
C MET A 7 10.02 -7.40 -1.54
N SER A 8 10.83 -7.82 -0.57
CA SER A 8 12.02 -8.60 -0.85
C SER A 8 11.70 -10.03 -1.32
N LYS A 9 12.66 -10.72 -1.94
CA LYS A 9 12.46 -12.13 -2.26
C LYS A 9 12.63 -12.98 -1.01
N SER A 10 13.43 -12.51 -0.06
CA SER A 10 13.67 -13.24 1.19
C SER A 10 14.16 -12.28 2.26
N PRO A 11 13.94 -12.63 3.52
CA PRO A 11 14.42 -11.78 4.60
C PRO A 11 15.89 -12.00 4.93
N TYR A 12 16.54 -12.97 4.31
CA TYR A 12 17.93 -13.25 4.62
C TYR A 12 18.82 -12.40 3.74
N VAL A 13 19.81 -11.80 4.38
CA VAL A 13 20.77 -10.92 3.75
C VAL A 13 22.19 -11.46 3.86
N ASP A 14 22.85 -11.59 2.70
CA ASP A 14 24.25 -12.01 2.63
C ASP A 14 25.18 -10.98 3.27
N PRO A 15 25.78 -11.33 4.42
CA PRO A 15 26.59 -10.32 5.11
C PRO A 15 27.90 -9.98 4.41
N HIS A 16 28.24 -10.59 3.28
CA HIS A 16 29.45 -10.19 2.55
C HIS A 16 29.14 -9.08 1.53
N LYS A 17 27.93 -9.10 0.99
CA LYS A 17 27.52 -8.13 -0.02
C LYS A 17 27.51 -6.71 0.55
N SER A 18 27.82 -5.71 -0.26
CA SER A 18 27.80 -4.35 0.22
C SER A 18 26.36 -3.87 0.24
N GLY A 19 26.12 -2.82 1.00
CA GLY A 19 24.81 -2.20 1.06
C GLY A 19 24.29 -1.79 -0.31
N HIS A 20 25.18 -1.32 -1.19
CA HIS A 20 24.68 -0.91 -2.49
C HIS A 20 24.15 -2.15 -3.20
N GLU A 21 24.93 -3.21 -3.08
CA GLU A 21 24.59 -4.46 -3.74
C GLU A 21 23.28 -5.04 -3.17
N ILE A 22 23.11 -4.97 -1.86
CA ILE A 22 21.88 -5.47 -1.22
C ILE A 22 20.67 -4.70 -1.75
N TRP A 23 20.79 -3.38 -1.75
CA TRP A 23 19.69 -2.52 -2.18
C TRP A 23 19.31 -2.73 -3.64
N GLU A 24 20.32 -2.96 -4.47
CA GLU A 24 20.10 -3.15 -5.88
C GLU A 24 19.37 -4.47 -6.10
N GLU A 25 19.78 -5.50 -5.37
CA GLU A 25 19.07 -6.76 -5.42
C GLU A 25 17.61 -6.54 -4.99
N PHE A 26 17.42 -5.90 -3.85
CA PHE A 26 16.09 -5.62 -3.33
C PHE A 26 15.26 -4.91 -4.41
N SER A 27 15.89 -4.00 -5.15
CA SER A 27 15.17 -3.16 -6.12
C SER A 27 14.63 -3.93 -7.33
N MET A 28 15.34 -4.97 -7.74
CA MET A 28 14.84 -5.84 -8.78
C MET A 28 13.57 -6.54 -8.33
N SER A 29 13.42 -6.70 -7.02
CA SER A 29 12.23 -7.33 -6.47
C SER A 29 11.07 -6.32 -6.35
N PHE A 30 11.29 -5.13 -5.79
CA PHE A 30 10.16 -4.20 -5.60
C PHE A 30 9.87 -3.30 -6.80
N THR A 31 10.83 -3.07 -7.69
CA THR A 31 10.61 -2.07 -8.75
C THR A 31 9.41 -2.44 -9.64
N PRO A 32 9.29 -3.71 -10.05
CA PRO A 32 8.12 -4.05 -10.87
C PRO A 32 6.78 -3.73 -10.22
N ALA A 33 6.68 -3.85 -8.90
CA ALA A 33 5.45 -3.52 -8.22
C ALA A 33 5.22 -2.01 -8.29
N VAL A 34 6.28 -1.23 -8.09
CA VAL A 34 6.18 0.21 -8.20
C VAL A 34 5.69 0.66 -9.58
N LYS A 35 6.29 0.11 -10.63
CA LYS A 35 5.92 0.50 -11.99
C LYS A 35 4.47 0.17 -12.26
N GLU A 36 3.97 -0.88 -11.60
CA GLU A 36 2.59 -1.30 -11.78
C GLU A 36 1.59 -0.27 -11.23
N VAL A 37 1.98 0.39 -10.13
CA VAL A 37 1.20 1.51 -9.61
C VAL A 37 1.18 2.70 -10.60
N VAL A 38 2.31 3.00 -11.25
CA VAL A 38 2.32 4.03 -12.28
C VAL A 38 1.35 3.72 -13.41
N GLU A 39 1.35 2.48 -13.88
CA GLU A 39 0.44 2.05 -14.94
C GLU A 39 -1.02 2.15 -14.53
N PHE A 40 -1.28 1.85 -13.26
CA PHE A 40 -2.61 1.91 -12.71
C PHE A 40 -3.10 3.37 -12.63
N ALA A 41 -2.22 4.26 -12.21
CA ALA A 41 -2.52 5.67 -12.09
C ALA A 41 -2.95 6.17 -13.45
N LYS A 42 -2.17 5.82 -14.47
CA LYS A 42 -2.43 6.26 -15.83
C LYS A 42 -3.80 5.84 -16.32
N ARG A 43 -4.42 4.84 -15.66
CA ARG A 43 -5.74 4.38 -16.10
C ARG A 43 -6.88 5.02 -15.33
N ILE A 44 -6.57 5.77 -14.28
CA ILE A 44 -7.56 6.63 -13.66
C ILE A 44 -7.75 7.89 -14.56
N PRO A 45 -8.88 8.01 -15.28
CA PRO A 45 -8.92 9.07 -16.32
C PRO A 45 -8.61 10.51 -15.83
N GLY A 46 -9.16 10.91 -14.68
CA GLY A 46 -8.91 12.24 -14.17
C GLY A 46 -7.50 12.51 -13.71
N PHE A 47 -6.73 11.44 -13.45
CA PHE A 47 -5.33 11.58 -13.06
C PHE A 47 -4.46 12.24 -14.14
N ARG A 48 -4.71 11.89 -15.41
CA ARG A 48 -3.99 12.49 -16.53
C ARG A 48 -4.26 13.99 -16.69
N ASP A 49 -5.32 14.49 -16.06
CA ASP A 49 -5.70 15.92 -16.17
C ASP A 49 -5.09 16.74 -15.04
N LEU A 50 -4.56 16.07 -14.02
CA LEU A 50 -3.74 16.76 -13.03
C LEU A 50 -2.44 17.25 -13.67
N SER A 51 -1.83 18.26 -13.08
CA SER A 51 -0.52 18.74 -13.53
C SER A 51 0.51 17.62 -13.50
N GLN A 52 1.50 17.67 -14.39
CA GLN A 52 2.55 16.64 -14.36
C GLN A 52 3.21 16.58 -12.97
N HIS A 53 3.45 17.76 -12.41
CA HIS A 53 4.08 17.85 -11.11
C HIS A 53 3.22 17.15 -10.08
N ASP A 54 1.91 17.35 -10.14
CA ASP A 54 1.04 16.77 -9.13
C ASP A 54 0.89 15.27 -9.32
N GLN A 55 0.99 14.80 -10.56
CA GLN A 55 0.88 13.36 -10.79
C GLN A 55 2.02 12.63 -10.08
N VAL A 56 3.20 13.18 -10.29
CA VAL A 56 4.45 12.65 -9.77
C VAL A 56 4.44 12.74 -8.26
N ASN A 57 3.96 13.86 -7.71
CA ASN A 57 3.87 13.98 -6.27
C ASN A 57 2.88 12.99 -5.59
N LEU A 58 1.67 12.84 -6.14
CA LEU A 58 0.75 11.83 -5.65
C LEU A 58 1.34 10.44 -5.73
N LEU A 59 2.00 10.10 -6.85
CA LEU A 59 2.64 8.78 -6.89
C LEU A 59 3.74 8.62 -5.81
N LYS A 60 4.46 9.70 -5.59
CA LYS A 60 5.54 9.71 -4.64
C LYS A 60 5.03 9.37 -3.24
N ALA A 61 3.93 9.99 -2.84
CA ALA A 61 3.39 9.91 -1.49
C ALA A 61 2.44 8.72 -1.32
N GLY A 62 1.87 8.25 -2.43
CA GLY A 62 0.79 7.29 -2.37
C GLY A 62 1.11 5.86 -2.76
N THR A 63 2.23 5.67 -3.45
CA THR A 63 2.57 4.38 -4.00
C THR A 63 2.54 3.33 -2.86
N PHE A 64 3.13 3.70 -1.72
CA PHE A 64 3.17 2.77 -0.58
C PHE A 64 1.78 2.33 -0.14
N GLU A 65 0.89 3.31 -0.08
CA GLU A 65 -0.44 3.06 0.43
C GLU A 65 -1.20 2.25 -0.58
N VAL A 66 -0.95 2.46 -1.86
CA VAL A 66 -1.58 1.65 -2.90
C VAL A 66 -1.13 0.20 -2.80
N LEU A 67 0.17 0.02 -2.72
CA LEU A 67 0.77 -1.30 -2.58
C LEU A 67 0.35 -2.04 -1.29
N MET A 68 0.19 -1.30 -0.19
CA MET A 68 -0.30 -1.90 1.09
C MET A 68 -1.71 -2.48 0.92
N VAL A 69 -2.56 -1.83 0.12
CA VAL A 69 -3.92 -2.35 -0.16
C VAL A 69 -3.80 -3.55 -1.10
N ARG A 70 -2.99 -3.39 -2.13
CA ARG A 70 -2.90 -4.40 -3.16
C ARG A 70 -2.27 -5.69 -2.65
N PHE A 71 -1.35 -5.56 -1.70
CA PHE A 71 -0.64 -6.71 -1.10
C PHE A 71 -1.07 -7.07 0.35
N ALA A 72 -2.19 -6.53 0.82
CA ALA A 72 -2.79 -6.94 2.08
C ALA A 72 -2.92 -8.48 2.19
N SER A 73 -3.24 -9.12 1.08
CA SER A 73 -3.38 -10.58 1.02
C SER A 73 -2.10 -11.38 1.26
N LEU A 74 -0.94 -10.71 1.36
CA LEU A 74 0.31 -11.39 1.66
C LEU A 74 0.37 -11.74 3.15
N PHE A 75 -0.47 -11.05 3.93
CA PHE A 75 -0.58 -11.20 5.36
C PHE A 75 -1.76 -12.12 5.65
N ASP A 76 -1.47 -13.30 6.15
CA ASP A 76 -2.48 -14.31 6.46
C ASP A 76 -2.66 -14.41 7.98
N ALA A 77 -3.70 -13.75 8.49
CA ALA A 77 -3.92 -13.60 9.93
C ALA A 77 -4.26 -14.94 10.59
N LYS A 78 -4.97 -15.80 9.88
CA LYS A 78 -5.23 -17.15 10.37
C LYS A 78 -3.90 -17.89 10.56
N GLU A 79 -3.17 -18.10 9.45
CA GLU A 79 -1.94 -18.88 9.44
C GLU A 79 -0.81 -18.19 10.21
N ARG A 80 -0.99 -16.89 10.46
CA ARG A 80 0.05 -15.99 10.98
C ARG A 80 1.34 -16.06 10.15
N THR A 81 1.21 -15.97 8.83
CA THR A 81 2.37 -15.97 7.95
C THR A 81 2.39 -14.77 7.02
N VAL A 82 3.58 -14.38 6.57
CA VAL A 82 3.71 -13.40 5.50
C VAL A 82 4.31 -14.07 4.28
N THR A 83 3.71 -13.83 3.12
CA THR A 83 4.23 -14.31 1.85
C THR A 83 5.08 -13.25 1.18
N PHE A 84 6.33 -13.59 0.90
CA PHE A 84 7.22 -12.62 0.26
C PHE A 84 7.03 -12.74 -1.24
N LEU A 85 7.62 -11.83 -2.01
CA LEU A 85 7.23 -11.73 -3.42
C LEU A 85 7.77 -12.89 -4.25
N SER A 86 8.64 -13.68 -3.64
CA SER A 86 9.17 -14.92 -4.22
C SER A 86 8.17 -16.09 -4.17
N GLY A 87 7.15 -15.96 -3.33
CA GLY A 87 6.25 -17.05 -3.03
C GLY A 87 6.54 -17.72 -1.68
N LYS A 88 7.74 -17.52 -1.13
CA LYS A 88 8.10 -18.14 0.14
C LYS A 88 7.30 -17.51 1.29
N LYS A 89 6.90 -18.34 2.25
CA LYS A 89 6.19 -17.88 3.44
C LYS A 89 7.06 -17.94 4.69
N TYR A 90 6.88 -16.97 5.57
CA TYR A 90 7.61 -16.89 6.82
C TYR A 90 6.64 -16.63 7.98
N SER A 91 6.90 -17.23 9.14
CA SER A 91 5.99 -17.02 10.26
C SER A 91 6.21 -15.66 10.89
N VAL A 92 5.19 -15.17 11.59
CA VAL A 92 5.35 -13.91 12.32
C VAL A 92 6.42 -14.07 13.40
N ASP A 93 6.44 -15.23 14.06
CA ASP A 93 7.47 -15.43 15.09
C ASP A 93 8.89 -15.33 14.50
N ASP A 94 9.13 -16.00 13.38
CA ASP A 94 10.45 -15.95 12.78
C ASP A 94 10.72 -14.49 12.38
N LEU A 95 9.72 -13.80 11.83
CA LEU A 95 9.97 -12.45 11.38
C LEU A 95 10.20 -11.54 12.59
N HIS A 96 9.53 -11.80 13.73
CA HIS A 96 9.78 -10.99 14.94
C HIS A 96 11.20 -11.17 15.44
N SER A 97 11.68 -12.40 15.34
CA SER A 97 13.02 -12.75 15.75
C SER A 97 14.08 -12.03 14.88
N MET A 98 13.82 -11.93 13.58
CA MET A 98 14.69 -11.19 12.67
C MET A 98 14.55 -9.65 12.71
N GLY A 99 13.83 -9.13 13.70
CA GLY A 99 13.66 -7.69 13.84
C GLY A 99 12.32 -7.04 13.48
N ALA A 100 11.32 -7.80 13.04
CA ALA A 100 10.01 -7.16 12.82
C ALA A 100 9.45 -6.83 14.18
N GLY A 101 8.47 -5.94 14.23
CA GLY A 101 7.92 -5.49 15.50
C GLY A 101 6.51 -4.97 15.39
N ASP A 102 6.28 -3.82 16.00
CA ASP A 102 4.93 -3.26 16.05
C ASP A 102 4.34 -2.99 14.67
N LEU A 103 5.15 -2.51 13.71
CA LEU A 103 4.59 -2.18 12.41
C LEU A 103 4.03 -3.44 11.70
N LEU A 104 4.77 -4.55 11.73
CA LEU A 104 4.22 -5.82 11.19
C LEU A 104 2.88 -6.17 11.83
N ASN A 105 2.79 -6.04 13.15
CA ASN A 105 1.53 -6.34 13.81
C ASN A 105 0.37 -5.46 13.31
N SER A 106 0.60 -4.16 13.25
CA SER A 106 -0.37 -3.23 12.69
C SER A 106 -0.80 -3.62 11.26
N MET A 107 0.16 -4.10 10.48
CA MET A 107 -0.13 -4.52 9.12
C MET A 107 -1.01 -5.75 9.13
N PHE A 108 -0.76 -6.68 10.05
CA PHE A 108 -1.69 -7.82 10.14
C PHE A 108 -3.08 -7.34 10.50
N GLU A 109 -3.15 -6.38 11.42
CA GLU A 109 -4.44 -5.85 11.87
C GLU A 109 -5.19 -5.25 10.70
N PHE A 110 -4.54 -4.31 10.01
CA PHE A 110 -5.13 -3.73 8.80
C PHE A 110 -5.53 -4.78 7.78
N SER A 111 -4.64 -5.70 7.51
CA SER A 111 -4.91 -6.66 6.44
C SER A 111 -6.08 -7.56 6.81
N GLU A 112 -6.15 -7.95 8.09
CA GLU A 112 -7.24 -8.80 8.54
C GLU A 112 -8.57 -8.10 8.36
N LYS A 113 -8.65 -6.83 8.77
CA LYS A 113 -9.91 -6.12 8.66
C LYS A 113 -10.26 -5.89 7.18
N LEU A 114 -9.27 -5.61 6.33
CA LEU A 114 -9.57 -5.32 4.94
C LEU A 114 -9.91 -6.61 4.23
N ASN A 115 -9.04 -7.61 4.39
CA ASN A 115 -9.25 -8.90 3.75
C ASN A 115 -10.63 -9.41 4.11
N ALA A 116 -11.09 -9.03 5.30
CA ALA A 116 -12.37 -9.49 5.81
C ALA A 116 -13.53 -8.95 5.02
N LEU A 117 -13.47 -7.68 4.63
CA LEU A 117 -14.58 -7.04 3.94
C LEU A 117 -14.99 -7.73 2.65
N GLN A 118 -14.11 -8.57 2.14
CA GLN A 118 -14.43 -9.40 0.98
C GLN A 118 -14.80 -8.57 -0.25
N LEU A 119 -14.01 -7.57 -0.58
CA LEU A 119 -14.30 -6.74 -1.75
C LEU A 119 -14.10 -7.48 -3.07
N SER A 120 -15.00 -7.27 -4.00
CA SER A 120 -14.78 -7.71 -5.37
C SER A 120 -13.57 -6.96 -5.96
N ASP A 121 -13.11 -7.45 -7.11
CA ASP A 121 -12.01 -6.81 -7.81
C ASP A 121 -12.36 -5.42 -8.26
N GLU A 122 -13.58 -5.20 -8.76
CA GLU A 122 -13.97 -3.83 -9.18
C GLU A 122 -14.12 -2.90 -7.99
N GLU A 123 -14.57 -3.43 -6.84
CA GLU A 123 -14.64 -2.62 -5.65
C GLU A 123 -13.24 -2.21 -5.14
N MET A 124 -12.36 -3.20 -5.05
CA MET A 124 -10.98 -3.01 -4.61
C MET A 124 -10.24 -2.04 -5.52
N SER A 125 -10.42 -2.24 -6.82
CA SER A 125 -9.81 -1.36 -7.79
C SER A 125 -10.22 0.12 -7.58
N LEU A 126 -11.51 0.38 -7.42
CA LEU A 126 -11.98 1.75 -7.25
C LEU A 126 -11.54 2.36 -5.88
N PHE A 127 -11.55 1.54 -4.83
CA PHE A 127 -11.03 1.93 -3.53
C PHE A 127 -9.56 2.32 -3.67
N THR A 128 -8.79 1.51 -4.39
CA THR A 128 -7.37 1.79 -4.54
C THR A 128 -7.15 3.14 -5.24
N ALA A 129 -7.97 3.43 -6.22
CA ALA A 129 -7.91 4.72 -6.90
C ALA A 129 -8.16 5.84 -5.90
N VAL A 130 -9.13 5.65 -5.03
CA VAL A 130 -9.43 6.62 -3.99
C VAL A 130 -8.18 6.78 -3.10
N VAL A 131 -7.56 5.67 -2.73
CA VAL A 131 -6.41 5.76 -1.89
C VAL A 131 -5.31 6.61 -2.57
N LEU A 132 -5.04 6.32 -3.82
CA LEU A 132 -3.96 7.03 -4.52
C LEU A 132 -4.18 8.51 -4.49
N VAL A 133 -5.39 8.95 -4.82
CA VAL A 133 -5.62 10.38 -4.97
C VAL A 133 -5.91 11.07 -3.63
N SER A 134 -5.92 10.29 -2.57
CA SER A 134 -5.99 10.81 -1.20
C SER A 134 -4.60 10.97 -0.56
N ALA A 135 -3.54 10.69 -1.34
CA ALA A 135 -2.17 10.73 -0.80
C ALA A 135 -1.87 12.08 -0.14
N ASP A 136 -0.93 12.10 0.78
CA ASP A 136 -0.47 13.32 1.43
C ASP A 136 -0.30 14.49 0.42
N ARG A 137 -0.82 15.66 0.74
CA ARG A 137 -0.90 16.76 -0.25
C ARG A 137 0.29 17.70 -0.13
N SER A 138 1.26 17.32 0.69
CA SER A 138 2.33 18.23 1.06
C SER A 138 3.02 18.81 -0.18
N GLY A 139 3.38 17.98 -1.14
CA GLY A 139 4.02 18.52 -2.34
C GLY A 139 3.11 19.22 -3.34
N ILE A 140 1.78 19.12 -3.19
CA ILE A 140 0.85 19.44 -4.28
C ILE A 140 0.65 20.93 -4.60
N GLU A 141 0.69 21.25 -5.91
CA GLU A 141 0.58 22.61 -6.41
C GLU A 141 -0.83 23.08 -6.78
N ASN A 142 -1.73 22.15 -7.11
CA ASN A 142 -3.10 22.52 -7.42
C ASN A 142 -4.01 21.70 -6.52
N VAL A 143 -4.14 22.11 -5.27
CA VAL A 143 -4.86 21.33 -4.29
C VAL A 143 -6.33 21.13 -4.71
N ASN A 144 -6.99 22.19 -5.16
CA ASN A 144 -8.40 22.06 -5.53
C ASN A 144 -8.63 21.00 -6.62
N SER A 145 -7.71 20.86 -7.56
CA SER A 145 -7.90 19.88 -8.62
C SER A 145 -7.81 18.45 -8.05
N VAL A 146 -6.97 18.28 -7.05
CA VAL A 146 -6.76 16.95 -6.47
C VAL A 146 -7.97 16.58 -5.62
N GLU A 147 -8.48 17.53 -4.88
CA GLU A 147 -9.70 17.31 -4.10
C GLU A 147 -10.89 17.06 -5.02
N ALA A 148 -10.93 17.67 -6.20
CA ALA A 148 -12.05 17.44 -7.09
C ALA A 148 -12.00 16.00 -7.63
N LEU A 149 -10.82 15.51 -7.94
CA LEU A 149 -10.71 14.16 -8.45
C LEU A 149 -11.08 13.18 -7.36
N GLN A 150 -10.57 13.42 -6.16
CA GLN A 150 -10.92 12.60 -5.02
C GLN A 150 -12.44 12.58 -4.80
N GLU A 151 -13.08 13.74 -4.88
CA GLU A 151 -14.53 13.77 -4.63
C GLU A 151 -15.25 12.95 -5.68
N THR A 152 -14.78 13.05 -6.94
CA THR A 152 -15.33 12.31 -8.05
C THR A 152 -15.24 10.82 -7.81
N LEU A 153 -14.05 10.36 -7.44
CA LEU A 153 -13.85 8.91 -7.24
C LEU A 153 -14.65 8.39 -6.08
N ILE A 154 -14.70 9.17 -5.01
CA ILE A 154 -15.44 8.83 -3.81
C ILE A 154 -16.96 8.66 -4.07
N ARG A 155 -17.56 9.59 -4.82
CA ARG A 155 -18.94 9.45 -5.25
C ARG A 155 -19.10 8.17 -6.06
N ALA A 156 -18.14 7.88 -6.95
CA ALA A 156 -18.24 6.68 -7.77
C ALA A 156 -18.22 5.44 -6.87
N LEU A 157 -17.33 5.46 -5.90
CA LEU A 157 -17.24 4.41 -4.91
C LEU A 157 -18.55 4.28 -4.12
N ARG A 158 -19.17 5.40 -3.70
CA ARG A 158 -20.43 5.28 -2.98
C ARG A 158 -21.50 4.63 -3.83
N THR A 159 -21.55 5.03 -5.09
CA THR A 159 -22.54 4.49 -5.99
C THR A 159 -22.34 2.99 -6.22
N LEU A 160 -21.09 2.55 -6.35
CA LEU A 160 -20.81 1.14 -6.54
C LEU A 160 -21.14 0.29 -5.30
N ILE A 161 -20.81 0.80 -4.12
CA ILE A 161 -21.06 0.05 -2.89
C ILE A 161 -22.58 -0.01 -2.68
N MET A 162 -23.30 1.05 -3.06
CA MET A 162 -24.75 1.06 -2.86
C MET A 162 -25.44 0.10 -3.84
N LYS A 163 -24.92 -0.03 -5.05
CA LYS A 163 -25.39 -1.05 -6.00
C LYS A 163 -25.07 -2.46 -5.50
N ASN A 164 -23.85 -2.70 -5.02
CA ASN A 164 -23.44 -4.06 -4.66
C ASN A 164 -23.86 -4.50 -3.27
N HIS A 165 -24.20 -3.53 -2.43
CA HIS A 165 -24.51 -3.82 -1.03
C HIS A 165 -25.66 -2.94 -0.55
N PRO A 166 -26.87 -3.15 -1.10
CA PRO A 166 -27.95 -2.18 -0.90
C PRO A 166 -28.40 -2.10 0.54
N ASN A 167 -28.12 -3.14 1.30
CA ASN A 167 -28.48 -3.18 2.71
C ASN A 167 -27.25 -3.13 3.59
N GLU A 168 -26.13 -2.61 3.08
CA GLU A 168 -24.97 -2.51 3.93
C GLU A 168 -24.09 -1.36 3.50
N ALA A 169 -24.68 -0.18 3.54
CA ALA A 169 -24.04 1.04 3.11
C ALA A 169 -22.83 1.36 3.97
N SER A 170 -22.80 0.82 5.19
CA SER A 170 -21.69 1.07 6.11
C SER A 170 -20.34 0.60 5.58
N ILE A 171 -20.34 -0.26 4.56
CA ILE A 171 -19.11 -0.67 3.93
C ILE A 171 -18.39 0.52 3.32
N PHE A 172 -19.15 1.41 2.66
CA PHE A 172 -18.61 2.67 2.14
C PHE A 172 -17.87 3.47 3.21
N THR A 173 -18.54 3.71 4.32
CA THR A 173 -17.95 4.48 5.39
C THR A 173 -16.73 3.77 5.96
N LYS A 174 -16.80 2.45 6.12
CA LYS A 174 -15.69 1.69 6.64
C LYS A 174 -14.43 1.84 5.77
N LEU A 175 -14.62 1.90 4.46
CA LEU A 175 -13.49 2.03 3.54
C LEU A 175 -12.81 3.40 3.69
N LEU A 176 -13.63 4.45 3.81
CA LEU A 176 -13.07 5.80 4.01
C LEU A 176 -12.29 5.82 5.32
N LEU A 177 -12.76 5.12 6.33
CA LEU A 177 -12.05 5.09 7.61
C LEU A 177 -10.70 4.37 7.57
N LYS A 178 -10.43 3.62 6.51
CA LYS A 178 -9.12 3.02 6.31
C LYS A 178 -8.05 3.99 5.81
N LEU A 179 -8.46 5.17 5.33
CA LEU A 179 -7.49 6.16 4.84
C LEU A 179 -6.52 6.66 5.93
N PRO A 180 -7.02 7.05 7.13
CA PRO A 180 -6.05 7.45 8.17
C PRO A 180 -5.19 6.30 8.68
N ASP A 181 -5.74 5.09 8.67
CA ASP A 181 -4.98 3.90 8.99
C ASP A 181 -3.85 3.69 7.98
N LEU A 182 -4.14 3.79 6.69
CA LEU A 182 -3.06 3.71 5.71
C LEU A 182 -1.98 4.81 5.92
N ARG A 183 -2.39 5.99 6.36
CA ARG A 183 -1.43 7.08 6.51
C ARG A 183 -0.55 6.76 7.70
N SER A 184 -1.12 6.17 8.75
CA SER A 184 -0.31 5.77 9.91
C SER A 184 0.72 4.71 9.51
N LEU A 185 0.27 3.68 8.80
CA LEU A 185 1.19 2.66 8.29
C LEU A 185 2.31 3.29 7.42
N ASN A 186 1.96 4.25 6.60
CA ASN A 186 2.94 4.92 5.74
C ASN A 186 3.99 5.65 6.58
N ASN A 187 3.52 6.40 7.58
N ASN A 187 3.58 6.40 7.59
CA ASN A 187 4.37 7.16 8.50
CA ASN A 187 4.59 7.14 8.38
C ASN A 187 5.43 6.24 9.18
C ASN A 187 5.53 6.18 9.13
N MET A 188 4.97 5.14 9.75
CA MET A 188 5.83 4.22 10.51
C MET A 188 6.77 3.46 9.60
N HIS A 189 6.23 3.03 8.48
CA HIS A 189 7.05 2.31 7.54
C HIS A 189 8.21 3.17 6.97
N SER A 190 7.95 4.44 6.79
CA SER A 190 9.00 5.32 6.27
C SER A 190 10.11 5.45 7.28
N GLU A 191 9.77 5.48 8.56
CA GLU A 191 10.81 5.45 9.60
C GLU A 191 11.68 4.19 9.48
N GLU A 192 11.05 3.04 9.34
CA GLU A 192 11.79 1.79 9.22
C GLU A 192 12.67 1.82 7.99
N LEU A 193 12.16 2.41 6.91
CA LEU A 193 12.84 2.36 5.62
C LEU A 193 14.14 3.11 5.76
N LEU A 194 14.03 4.31 6.31
CA LEU A 194 15.16 5.21 6.44
C LEU A 194 16.17 4.76 7.51
N ALA A 195 15.71 4.02 8.51
CA ALA A 195 16.59 3.52 9.57
C ALA A 195 17.28 2.22 9.17
N PHE A 196 17.09 1.79 7.92
CA PHE A 196 17.63 0.51 7.49
C PHE A 196 19.15 0.51 7.21
N LYS A 197 19.88 -0.33 7.96
CA LYS A 197 21.32 -0.51 7.77
C LYS A 197 21.68 -1.97 7.38
N VAL A 198 22.74 -2.12 6.59
CA VAL A 198 23.17 -3.44 6.15
C VAL A 198 24.44 -3.89 6.86
N HIS A 199 25.24 -2.91 7.30
CA HIS A 199 26.58 -3.07 7.87
C HIS A 199 27.64 -2.84 6.80
#